data_3RPX
#
_entry.id   3RPX
#
_cell.length_a   115.680
_cell.length_b   123.770
_cell.length_c   137.110
_cell.angle_alpha   90.000
_cell.angle_beta   90.000
_cell.angle_gamma   90.000
#
_symmetry.space_group_name_H-M   'I 2 2 2'
#
loop_
_entity.id
_entity.type
_entity.pdbx_description
1 polymer 'Complement component 1 Q subcomponent-binding protein'
2 non-polymer 'UNKNOWN ATOM OR ION'
#
_entity_poly.entity_id   1
_entity_poly.type   'polypeptide(L)'
_entity_poly.pdbx_seq_one_letter_code
;IQKHKTLPKMSGGWELELNGTEAKLVRKVAGEKITVTFNINNSIPPTFDGEEEPSQGQKVEEQEPELTSTPNFVVEVIKN
DDGKKALVLDCHYPEDEVGQEDEAESDIFSIREVSFQSTGESEWKDTNYTLNTDSLDWALYDHLMDFLADRGVDNTFADE
LVELSTALEHQEYITFLEDLKSFVKSQAHHHHHH
;
_entity_poly.pdbx_strand_id   A,B,C
#
# COMPACT_ATOMS: atom_id res chain seq x y z
N LYS A 5 4.09 33.39 -3.65
CA LYS A 5 3.31 33.57 -4.88
C LYS A 5 3.88 32.72 -6.07
N THR A 6 4.82 33.29 -6.87
CA THR A 6 5.45 32.60 -8.01
C THR A 6 6.40 31.51 -7.50
N LEU A 7 6.19 30.25 -7.94
CA LEU A 7 7.01 29.11 -7.51
C LEU A 7 8.48 29.25 -7.94
N PRO A 8 9.46 28.77 -7.13
CA PRO A 8 10.86 28.89 -7.56
C PRO A 8 11.15 28.03 -8.78
N LYS A 9 11.99 28.57 -9.67
CA LYS A 9 12.41 27.96 -10.91
C LYS A 9 13.47 26.89 -10.69
N MET A 10 13.44 25.86 -11.53
CA MET A 10 14.43 24.80 -11.52
C MET A 10 15.35 25.09 -12.71
N SER A 11 16.67 25.12 -12.47
CA SER A 11 17.68 25.31 -13.52
C SER A 11 17.63 24.09 -14.43
N GLY A 12 17.84 24.29 -15.73
CA GLY A 12 17.88 23.20 -16.71
C GLY A 12 16.73 23.06 -17.69
N GLY A 13 15.76 23.94 -17.62
CA GLY A 13 14.61 23.91 -18.52
C GLY A 13 13.58 22.86 -18.22
N TRP A 14 13.40 22.52 -16.93
CA TRP A 14 12.40 21.54 -16.48
C TRP A 14 11.00 22.12 -16.57
N GLU A 15 10.02 21.31 -16.96
CA GLU A 15 8.61 21.67 -17.06
C GLU A 15 7.88 20.95 -15.91
N LEU A 16 7.18 21.73 -15.09
CA LEU A 16 6.47 21.24 -13.93
C LEU A 16 5.00 21.03 -14.21
N GLU A 17 4.45 19.96 -13.62
CA GLU A 17 3.04 19.62 -13.61
C GLU A 17 2.71 18.98 -12.28
N LEU A 18 1.61 19.43 -11.65
CA LEU A 18 1.16 18.93 -10.36
C LEU A 18 -0.24 18.34 -10.50
N ASN A 19 -0.39 17.10 -10.04
CA ASN A 19 -1.63 16.34 -10.03
C ASN A 19 -1.84 15.91 -8.58
N GLY A 20 -2.61 16.72 -7.85
CA GLY A 20 -2.89 16.52 -6.43
C GLY A 20 -1.66 16.86 -5.64
N THR A 21 -1.10 15.87 -4.92
CA THR A 21 0.13 16.05 -4.13
C THR A 21 1.38 15.60 -4.91
N GLU A 22 1.19 15.03 -6.12
CA GLU A 22 2.26 14.50 -6.96
C GLU A 22 2.73 15.50 -8.02
N ALA A 23 4.02 15.91 -7.92
CA ALA A 23 4.64 16.83 -8.88
C ALA A 23 5.60 16.06 -9.77
N LYS A 24 5.60 16.40 -11.04
CA LYS A 24 6.46 15.84 -12.06
C LYS A 24 7.25 16.96 -12.70
N LEU A 25 8.58 16.78 -12.81
CA LEU A 25 9.46 17.71 -13.51
C LEU A 25 9.97 16.93 -14.72
N VAL A 26 9.80 17.50 -15.91
CA VAL A 26 10.18 16.87 -17.18
C VAL A 26 11.16 17.74 -17.94
N ARG A 27 12.16 17.12 -18.57
CA ARG A 27 13.21 17.76 -19.38
C ARG A 27 13.72 16.72 -20.38
N LYS A 28 14.02 17.18 -21.61
CA LYS A 28 14.63 16.36 -22.69
C LYS A 28 16.16 16.61 -22.74
N VAL A 29 16.92 15.54 -22.73
CA VAL A 29 18.39 15.56 -22.70
C VAL A 29 18.86 14.62 -23.84
N ALA A 30 19.08 15.17 -25.08
CA ALA A 30 19.55 14.43 -26.26
C ALA A 30 18.62 13.26 -26.65
N GLY A 31 17.34 13.60 -26.82
CA GLY A 31 16.28 12.64 -27.19
C GLY A 31 15.77 11.76 -26.07
N GLU A 32 16.49 11.75 -24.95
CA GLU A 32 16.11 11.00 -23.75
C GLU A 32 15.18 11.90 -22.98
N LYS A 33 14.09 11.34 -22.44
CA LYS A 33 13.10 12.06 -21.64
C LYS A 33 13.37 11.70 -20.19
N ILE A 34 13.56 12.70 -19.36
CA ILE A 34 13.87 12.53 -17.94
C ILE A 34 12.75 13.12 -17.13
N THR A 35 12.14 12.31 -16.29
CA THR A 35 11.02 12.70 -15.41
C THR A 35 11.40 12.47 -13.95
N VAL A 36 11.24 13.50 -13.12
CA VAL A 36 11.51 13.43 -11.70
C VAL A 36 10.14 13.62 -10.99
N THR A 37 9.70 12.59 -10.27
CA THR A 37 8.41 12.58 -9.57
C THR A 37 8.63 12.59 -8.08
N PHE A 38 7.86 13.45 -7.39
CA PHE A 38 7.92 13.56 -5.95
C PHE A 38 6.54 13.93 -5.41
N ASN A 39 6.37 13.71 -4.12
CA ASN A 39 5.12 14.01 -3.43
C ASN A 39 5.28 15.10 -2.36
N ILE A 40 4.23 15.93 -2.19
CA ILE A 40 4.12 16.94 -1.12
C ILE A 40 3.32 16.22 0.04
N ASN A 41 3.80 16.31 1.31
CA ASN A 41 3.29 15.68 2.57
C ASN A 41 4.23 14.55 3.03
N THR A 68 12.76 22.87 4.76
CA THR A 68 12.53 21.78 5.72
C THR A 68 11.84 20.57 5.05
N SER A 69 11.32 20.77 3.81
CA SER A 69 10.67 19.72 3.03
C SER A 69 11.65 19.06 2.04
N THR A 70 12.39 18.01 2.48
CA THR A 70 13.30 17.18 1.66
C THR A 70 12.48 15.93 1.21
N PRO A 71 11.89 15.94 0.01
CA PRO A 71 11.04 14.81 -0.39
C PRO A 71 11.83 13.62 -0.94
N ASN A 72 11.13 12.55 -1.29
CA ASN A 72 11.78 11.42 -1.90
C ASN A 72 11.36 11.53 -3.30
N PHE A 73 12.33 11.40 -4.23
CA PHE A 73 12.02 11.58 -5.62
C PHE A 73 12.43 10.36 -6.43
N VAL A 74 11.77 10.19 -7.58
CA VAL A 74 11.98 9.08 -8.47
C VAL A 74 12.33 9.63 -9.84
N VAL A 75 13.51 9.20 -10.34
CA VAL A 75 13.97 9.57 -11.67
C VAL A 75 13.65 8.44 -12.62
N GLU A 76 12.98 8.78 -13.71
CA GLU A 76 12.60 7.87 -14.79
C GLU A 76 13.29 8.36 -16.08
N VAL A 77 14.14 7.51 -16.66
CA VAL A 77 14.90 7.82 -17.88
C VAL A 77 14.42 6.92 -19.01
N ILE A 78 13.91 7.54 -20.09
CA ILE A 78 13.41 6.88 -21.30
C ILE A 78 14.27 7.38 -22.42
N LYS A 79 14.97 6.49 -23.10
CA LYS A 79 15.81 6.81 -24.25
C LYS A 79 14.93 6.91 -25.52
N ASN A 80 15.38 7.69 -26.53
CA ASN A 80 14.66 7.88 -27.80
C ASN A 80 14.59 6.53 -28.55
N ASP A 81 15.76 5.82 -28.63
CA ASP A 81 16.02 4.51 -29.26
C ASP A 81 14.95 3.44 -28.96
N ASP A 82 14.46 3.37 -27.72
CA ASP A 82 13.42 2.44 -27.30
C ASP A 82 12.57 3.08 -26.22
N GLY A 83 11.31 3.35 -26.58
CA GLY A 83 10.35 3.93 -25.65
C GLY A 83 9.64 2.86 -24.83
N LYS A 84 9.96 1.55 -25.06
CA LYS A 84 9.35 0.38 -24.38
C LYS A 84 9.65 0.36 -22.87
N LYS A 85 10.97 0.42 -22.49
CA LYS A 85 11.38 0.40 -21.08
C LYS A 85 12.03 1.72 -20.63
N ALA A 86 12.02 1.95 -19.31
CA ALA A 86 12.58 3.10 -18.62
C ALA A 86 13.41 2.62 -17.44
N LEU A 87 14.55 3.29 -17.18
CA LEU A 87 15.34 3.00 -15.98
C LEU A 87 14.75 3.88 -14.90
N VAL A 88 14.38 3.26 -13.79
CA VAL A 88 13.75 3.92 -12.65
C VAL A 88 14.75 3.94 -11.50
N LEU A 89 15.10 5.14 -11.02
CA LEU A 89 16.05 5.34 -9.93
C LEU A 89 15.34 6.01 -8.76
N ASP A 90 15.15 5.25 -7.66
CA ASP A 90 14.47 5.75 -6.48
C ASP A 90 15.49 6.47 -5.60
N CYS A 91 15.32 7.82 -5.47
CA CYS A 91 16.22 8.65 -4.70
C CYS A 91 15.61 9.19 -3.42
N HIS A 92 16.50 9.63 -2.53
CA HIS A 92 16.09 10.24 -1.27
C HIS A 92 17.21 11.12 -0.67
N TYR A 93 16.86 11.93 0.35
CA TYR A 93 17.83 12.79 1.04
C TYR A 93 18.24 12.10 2.34
N PRO A 94 19.53 11.77 2.52
CA PRO A 94 19.95 11.08 3.77
C PRO A 94 19.97 12.02 4.99
N GLU A 95 20.14 11.44 6.22
CA GLU A 95 20.16 12.18 7.49
C GLU A 95 21.40 11.86 8.30
N SER A 106 30.60 16.02 -0.59
CA SER A 106 29.47 15.20 -0.14
C SER A 106 28.21 15.39 -1.02
N ASP A 107 27.53 14.26 -1.38
CA ASP A 107 26.30 14.26 -2.18
C ASP A 107 25.11 14.68 -1.32
N ILE A 108 24.20 15.47 -1.91
CA ILE A 108 22.99 15.97 -1.26
C ILE A 108 21.94 14.84 -1.18
N PHE A 109 21.84 14.00 -2.24
CA PHE A 109 20.89 12.88 -2.32
C PHE A 109 21.59 11.54 -2.54
N SER A 110 20.84 10.45 -2.43
CA SER A 110 21.31 9.07 -2.61
C SER A 110 20.37 8.25 -3.46
N ILE A 111 20.91 7.27 -4.23
CA ILE A 111 20.06 6.33 -4.96
C ILE A 111 19.84 5.15 -4.01
N ARG A 112 18.57 4.88 -3.64
CA ARG A 112 18.20 3.81 -2.72
C ARG A 112 18.08 2.48 -3.45
N GLU A 113 17.41 2.50 -4.62
CA GLU A 113 17.18 1.32 -5.44
C GLU A 113 16.96 1.66 -6.91
N VAL A 114 17.18 0.65 -7.76
CA VAL A 114 17.08 0.83 -9.20
C VAL A 114 16.42 -0.39 -9.85
N SER A 115 15.67 -0.14 -10.95
CA SER A 115 14.85 -1.12 -11.67
C SER A 115 14.48 -0.59 -13.06
N PHE A 116 13.90 -1.45 -13.89
CA PHE A 116 13.37 -1.13 -15.22
C PHE A 116 11.87 -1.25 -15.12
N GLN A 117 11.13 -0.39 -15.82
CA GLN A 117 9.67 -0.40 -15.82
C GLN A 117 9.18 -0.17 -17.26
N SER A 118 8.04 -0.79 -17.64
CA SER A 118 7.46 -0.59 -18.97
C SER A 118 6.67 0.72 -18.91
N THR A 119 6.57 1.45 -20.04
CA THR A 119 5.88 2.74 -20.07
C THR A 119 4.41 2.60 -20.49
N LYS A 125 2.29 -4.06 -10.54
CA LYS A 125 3.36 -4.43 -11.48
C LYS A 125 4.70 -4.75 -10.74
N ASP A 126 4.60 -5.45 -9.59
CA ASP A 126 5.71 -5.89 -8.70
C ASP A 126 6.63 -6.94 -9.37
N THR A 127 6.26 -7.36 -10.59
CA THR A 127 6.96 -8.34 -11.40
C THR A 127 8.34 -7.80 -11.89
N ASN A 128 8.71 -6.51 -11.62
CA ASN A 128 10.04 -6.04 -12.07
C ASN A 128 11.13 -6.15 -11.01
N TYR A 129 12.26 -6.68 -11.44
CA TYR A 129 13.46 -6.82 -10.62
C TYR A 129 13.94 -5.49 -10.13
N THR A 130 14.08 -5.37 -8.82
CA THR A 130 14.53 -4.16 -8.16
C THR A 130 15.78 -4.43 -7.37
N LEU A 131 16.88 -3.76 -7.72
CA LEU A 131 18.13 -3.85 -7.01
C LEU A 131 18.31 -2.73 -5.99
N ASN A 132 18.64 -3.09 -4.77
CA ASN A 132 18.96 -2.14 -3.72
C ASN A 132 20.41 -1.75 -3.99
N THR A 133 20.75 -0.48 -3.83
CA THR A 133 22.09 0.00 -4.17
C THR A 133 23.19 -0.40 -3.16
N ASP A 134 22.81 -0.96 -1.96
CA ASP A 134 23.77 -1.45 -0.96
C ASP A 134 24.54 -2.67 -1.49
N SER A 135 23.93 -3.39 -2.45
CA SER A 135 24.51 -4.57 -3.08
C SER A 135 25.39 -4.21 -4.28
N LEU A 136 25.47 -2.88 -4.64
CA LEU A 136 26.31 -2.39 -5.74
C LEU A 136 27.68 -2.01 -5.24
N ASP A 137 28.71 -2.25 -6.09
CA ASP A 137 30.09 -1.82 -5.82
C ASP A 137 30.14 -0.29 -5.99
N TRP A 138 31.04 0.38 -5.24
CA TRP A 138 31.15 1.83 -5.23
C TRP A 138 31.25 2.42 -6.65
N ALA A 139 32.01 1.79 -7.55
CA ALA A 139 32.21 2.31 -8.91
C ALA A 139 30.92 2.32 -9.74
N LEU A 140 30.04 1.31 -9.58
CA LEU A 140 28.78 1.28 -10.32
C LEU A 140 27.81 2.28 -9.72
N TYR A 141 27.81 2.42 -8.39
CA TYR A 141 26.97 3.39 -7.74
C TYR A 141 27.37 4.80 -8.25
N ASP A 142 28.68 5.11 -8.23
CA ASP A 142 29.21 6.39 -8.68
C ASP A 142 28.88 6.65 -10.14
N HIS A 143 28.93 5.62 -10.95
CA HIS A 143 28.60 5.69 -12.35
C HIS A 143 27.14 6.12 -12.52
N LEU A 144 26.23 5.49 -11.76
CA LEU A 144 24.81 5.83 -11.74
C LEU A 144 24.61 7.29 -11.32
N MET A 145 25.37 7.75 -10.30
CA MET A 145 25.32 9.14 -9.83
C MET A 145 25.69 10.11 -10.95
N ASP A 146 26.74 9.76 -11.73
CA ASP A 146 27.26 10.54 -12.87
C ASP A 146 26.27 10.53 -14.02
N PHE A 147 25.62 9.39 -14.25
CA PHE A 147 24.59 9.21 -15.27
C PHE A 147 23.41 10.17 -15.00
N LEU A 148 23.06 10.38 -13.72
CA LEU A 148 22.00 11.28 -13.30
C LEU A 148 22.46 12.69 -13.50
N ALA A 149 23.72 13.02 -13.10
CA ALA A 149 24.21 14.40 -13.26
C ALA A 149 24.27 14.81 -14.70
N ASP A 150 24.61 13.87 -15.63
CA ASP A 150 24.68 14.19 -17.06
C ASP A 150 23.32 14.53 -17.61
N ARG A 151 22.27 14.07 -16.92
CA ARG A 151 20.90 14.34 -17.28
C ARG A 151 20.32 15.48 -16.42
N GLY A 152 21.20 16.15 -15.67
CA GLY A 152 20.81 17.29 -14.85
C GLY A 152 20.35 17.00 -13.44
N VAL A 153 20.31 15.73 -13.04
CA VAL A 153 19.91 15.41 -11.68
C VAL A 153 21.19 15.35 -10.85
N ASP A 154 21.60 16.52 -10.38
CA ASP A 154 22.82 16.70 -9.60
C ASP A 154 22.53 17.35 -8.27
N ASN A 155 23.58 17.76 -7.54
CA ASN A 155 23.45 18.42 -6.23
C ASN A 155 22.66 19.71 -6.30
N THR A 156 22.90 20.57 -7.34
CA THR A 156 22.18 21.85 -7.55
C THR A 156 20.68 21.60 -7.73
N PHE A 157 20.34 20.56 -8.54
CA PHE A 157 18.98 20.12 -8.78
C PHE A 157 18.33 19.69 -7.45
N ALA A 158 19.03 18.81 -6.68
CA ALA A 158 18.57 18.35 -5.38
C ALA A 158 18.29 19.56 -4.45
N ASP A 159 19.25 20.50 -4.30
CA ASP A 159 19.06 21.71 -3.48
C ASP A 159 17.86 22.55 -3.94
N GLU A 160 17.69 22.70 -5.27
CA GLU A 160 16.60 23.45 -5.86
C GLU A 160 15.27 22.72 -5.67
N LEU A 161 15.27 21.39 -5.70
CA LEU A 161 14.07 20.57 -5.48
C LEU A 161 13.53 20.75 -4.04
N VAL A 162 14.42 20.96 -3.06
CA VAL A 162 14.05 21.19 -1.68
C VAL A 162 13.29 22.51 -1.60
N GLU A 163 13.78 23.54 -2.30
CA GLU A 163 13.15 24.86 -2.34
C GLU A 163 11.81 24.80 -3.04
N LEU A 164 11.72 24.10 -4.18
CA LEU A 164 10.47 23.99 -4.92
C LEU A 164 9.44 23.20 -4.13
N SER A 165 9.87 22.07 -3.55
CA SER A 165 9.01 21.20 -2.75
C SER A 165 8.38 21.99 -1.55
N THR A 166 9.22 22.74 -0.80
CA THR A 166 8.79 23.54 0.34
C THR A 166 7.71 24.56 -0.12
N ALA A 167 7.93 25.21 -1.27
CA ALA A 167 6.99 26.16 -1.84
C ALA A 167 5.66 25.51 -2.23
N LEU A 168 5.70 24.35 -2.93
CA LEU A 168 4.49 23.61 -3.32
C LEU A 168 3.66 23.16 -2.11
N GLU A 169 4.34 22.76 -1.03
CA GLU A 169 3.76 22.39 0.25
C GLU A 169 2.96 23.57 0.85
N HIS A 170 3.62 24.75 0.98
CA HIS A 170 3.00 25.97 1.51
CA HIS A 170 3.02 25.99 1.50
C HIS A 170 1.78 26.39 0.68
N GLN A 171 1.89 26.31 -0.66
CA GLN A 171 0.84 26.66 -1.61
C GLN A 171 -0.38 25.74 -1.47
N GLU A 172 -0.16 24.42 -1.39
CA GLU A 172 -1.23 23.45 -1.24
C GLU A 172 -1.90 23.55 0.12
N TYR A 173 -1.10 23.86 1.17
CA TYR A 173 -1.57 24.06 2.54
C TYR A 173 -2.56 25.23 2.60
N ILE A 174 -2.18 26.41 2.03
CA ILE A 174 -2.99 27.62 2.00
C ILE A 174 -4.31 27.35 1.27
N THR A 175 -4.25 26.64 0.13
CA THR A 175 -5.40 26.31 -0.70
C THR A 175 -6.32 25.36 0.03
N PHE A 176 -5.74 24.37 0.73
CA PHE A 176 -6.50 23.40 1.48
C PHE A 176 -7.31 24.07 2.57
N LEU A 177 -6.68 24.97 3.37
CA LEU A 177 -7.39 25.70 4.44
C LEU A 177 -8.54 26.48 3.90
N GLU A 178 -8.38 27.09 2.71
CA GLU A 178 -9.43 27.88 2.06
C GLU A 178 -10.60 26.99 1.73
N ASP A 179 -10.33 25.87 1.04
CA ASP A 179 -11.32 24.89 0.64
C ASP A 179 -12.05 24.30 1.85
N LEU A 180 -11.29 24.04 2.95
CA LEU A 180 -11.81 23.52 4.19
C LEU A 180 -12.80 24.47 4.83
N LYS A 181 -12.39 25.75 4.98
CA LYS A 181 -13.19 26.80 5.58
C LYS A 181 -14.43 27.05 4.73
N SER A 182 -14.29 26.99 3.39
CA SER A 182 -15.39 27.15 2.44
C SER A 182 -16.45 26.02 2.60
N PHE A 183 -15.97 24.78 2.80
CA PHE A 183 -16.81 23.60 2.96
C PHE A 183 -17.61 23.67 4.28
N VAL A 184 -17.01 24.19 5.36
CA VAL A 184 -17.73 24.27 6.65
C VAL A 184 -18.22 25.70 6.96
N LYS A 185 -18.46 26.53 5.92
CA LYS A 185 -18.89 27.94 6.10
C LYS A 185 -20.22 28.10 6.87
N SER A 186 -21.00 27.01 6.97
CA SER A 186 -22.28 26.89 7.69
C SER A 186 -22.13 27.11 9.21
N GLN A 187 -20.89 26.96 9.69
CA GLN A 187 -20.50 26.99 11.08
C GLN A 187 -20.19 28.39 11.58
N ALA A 188 -20.13 29.39 10.68
CA ALA A 188 -19.92 30.80 11.04
C ALA A 188 -21.06 31.28 11.93
N HIS A 189 -20.69 32.09 12.98
CA HIS A 189 -21.53 32.71 14.03
C HIS A 189 -21.92 34.10 13.60
N HIS A 190 -20.99 34.75 12.86
CA HIS A 190 -21.14 36.10 12.33
C HIS A 190 -21.13 36.04 10.81
N HIS A 191 -21.88 36.97 10.21
CA HIS A 191 -22.11 37.13 8.79
C HIS A 191 -21.91 38.60 8.36
N HIS A 192 -20.89 38.80 7.50
CA HIS A 192 -20.50 40.09 6.93
C HIS A 192 -21.49 40.48 5.82
N HIS A 193 -22.39 41.42 6.14
CA HIS A 193 -23.45 41.94 5.27
C HIS A 193 -23.28 43.44 5.06
N LYS B 5 22.21 -22.44 -15.04
CA LYS B 5 21.49 -22.47 -16.33
C LYS B 5 20.03 -23.00 -16.13
N THR B 6 19.83 -24.35 -16.12
CA THR B 6 18.51 -24.92 -15.91
C THR B 6 18.14 -24.82 -14.40
N LEU B 7 16.98 -24.23 -14.13
CA LEU B 7 16.51 -24.02 -12.76
C LEU B 7 16.24 -25.35 -12.01
N PRO B 8 16.45 -25.39 -10.68
CA PRO B 8 16.20 -26.66 -9.96
C PRO B 8 14.72 -27.03 -9.96
N LYS B 9 14.48 -28.33 -10.08
CA LYS B 9 13.17 -28.93 -10.10
C LYS B 9 12.64 -29.07 -8.66
N MET B 10 11.31 -29.01 -8.55
CA MET B 10 10.58 -29.21 -7.29
C MET B 10 10.02 -30.60 -7.36
N SER B 11 10.26 -31.40 -6.33
CA SER B 11 9.73 -32.76 -6.20
C SER B 11 8.22 -32.69 -5.92
N GLY B 12 7.52 -33.80 -6.16
CA GLY B 12 6.09 -33.95 -5.98
C GLY B 12 5.18 -33.57 -7.15
N GLY B 13 5.76 -33.19 -8.31
CA GLY B 13 4.98 -32.84 -9.50
C GLY B 13 4.40 -31.43 -9.45
N TRP B 14 5.18 -30.44 -9.92
CA TRP B 14 4.77 -29.03 -9.87
C TRP B 14 5.13 -28.33 -11.17
N GLU B 15 4.26 -27.45 -11.62
CA GLU B 15 4.49 -26.69 -12.84
C GLU B 15 4.84 -25.29 -12.45
N LEU B 16 6.02 -24.83 -12.90
CA LEU B 16 6.51 -23.48 -12.64
C LEU B 16 6.14 -22.52 -13.78
N GLU B 17 5.55 -21.38 -13.40
CA GLU B 17 5.22 -20.29 -14.32
C GLU B 17 5.89 -19.04 -13.76
N LEU B 18 6.65 -18.37 -14.60
CA LEU B 18 7.37 -17.16 -14.19
C LEU B 18 6.77 -15.91 -14.79
N ASN B 19 6.66 -14.89 -13.98
CA ASN B 19 6.17 -13.62 -14.46
C ASN B 19 6.97 -12.57 -13.72
N GLY B 20 8.13 -12.25 -14.32
CA GLY B 20 9.10 -11.31 -13.78
C GLY B 20 9.80 -11.91 -12.57
N THR B 21 9.59 -11.29 -11.40
CA THR B 21 10.14 -11.79 -10.13
C THR B 21 9.15 -12.70 -9.36
N GLU B 22 7.89 -12.81 -9.85
CA GLU B 22 6.83 -13.62 -9.25
C GLU B 22 6.75 -15.03 -9.86
N ALA B 23 6.99 -16.04 -9.01
CA ALA B 23 6.92 -17.43 -9.43
C ALA B 23 5.72 -18.10 -8.84
N LYS B 24 5.05 -18.92 -9.65
CA LYS B 24 3.90 -19.72 -9.26
C LYS B 24 4.22 -21.15 -9.49
N LEU B 25 3.90 -21.98 -8.49
CA LEU B 25 4.08 -23.44 -8.55
C LEU B 25 2.69 -24.06 -8.43
N VAL B 26 2.29 -24.81 -9.44
CA VAL B 26 0.95 -25.42 -9.44
C VAL B 26 1.12 -26.93 -9.42
N ARG B 27 0.46 -27.60 -8.43
CA ARG B 27 0.54 -29.04 -8.27
C ARG B 27 -0.07 -29.69 -9.49
N LYS B 28 0.80 -30.41 -10.24
CA LYS B 28 0.51 -30.95 -11.57
C LYS B 28 -0.71 -31.84 -11.61
N VAL B 29 -0.78 -32.86 -10.72
CA VAL B 29 -1.91 -33.78 -10.74
C VAL B 29 -2.50 -33.74 -9.37
N ALA B 30 -3.65 -33.07 -9.19
CA ALA B 30 -4.27 -32.95 -7.88
C ALA B 30 -5.81 -32.97 -7.96
N GLY B 31 -6.45 -33.24 -6.83
CA GLY B 31 -7.90 -33.26 -6.78
C GLY B 31 -8.47 -31.87 -6.57
N GLU B 32 -7.56 -30.94 -6.28
CA GLU B 32 -7.78 -29.54 -5.95
C GLU B 32 -6.80 -28.68 -6.76
N LYS B 33 -6.93 -27.35 -6.61
CA LYS B 33 -6.08 -26.40 -7.28
C LYS B 33 -5.15 -25.86 -6.19
N ILE B 34 -3.91 -26.40 -6.10
CA ILE B 34 -2.90 -25.95 -5.13
C ILE B 34 -1.86 -25.11 -5.85
N THR B 35 -1.74 -23.83 -5.45
CA THR B 35 -0.80 -22.87 -6.05
C THR B 35 0.08 -22.28 -4.95
N VAL B 36 1.40 -22.29 -5.16
CA VAL B 36 2.36 -21.65 -4.25
C VAL B 36 2.99 -20.47 -4.98
N THR B 37 2.77 -19.25 -4.49
CA THR B 37 3.30 -18.03 -5.08
C THR B 37 4.34 -17.39 -4.17
N PHE B 38 5.44 -16.96 -4.77
CA PHE B 38 6.51 -16.27 -4.06
C PHE B 38 7.15 -15.25 -5.00
N ASN B 39 7.84 -14.26 -4.45
CA ASN B 39 8.47 -13.19 -5.23
C ASN B 39 9.97 -13.09 -4.84
N ILE B 40 10.89 -13.14 -5.84
CA ILE B 40 12.35 -13.05 -5.64
C ILE B 40 12.80 -11.71 -4.93
N ASN B 41 12.01 -10.61 -5.01
CA ASN B 41 12.31 -9.32 -4.36
C ASN B 41 11.78 -9.21 -2.92
N ASN B 42 10.64 -9.90 -2.64
CA ASN B 42 9.91 -9.91 -1.36
C ASN B 42 9.98 -11.30 -0.74
N SER B 69 18.58 -17.16 0.06
CA SER B 69 17.28 -16.56 -0.26
C SER B 69 16.09 -17.42 0.23
N THR B 70 15.60 -17.15 1.49
CA THR B 70 14.42 -17.79 2.10
C THR B 70 13.21 -16.85 1.84
N PRO B 71 12.40 -17.11 0.79
CA PRO B 71 11.31 -16.18 0.49
C PRO B 71 10.07 -16.40 1.34
N ASN B 72 9.07 -15.57 1.08
CA ASN B 72 7.79 -15.67 1.73
C ASN B 72 6.90 -16.22 0.67
N PHE B 73 6.17 -17.26 0.98
CA PHE B 73 5.33 -17.91 0.00
C PHE B 73 3.88 -18.03 0.48
N VAL B 74 2.98 -18.00 -0.49
CA VAL B 74 1.57 -18.03 -0.25
C VAL B 74 0.98 -19.25 -0.93
N VAL B 75 0.35 -20.10 -0.11
CA VAL B 75 -0.33 -21.27 -0.58
C VAL B 75 -1.82 -20.91 -0.74
N GLU B 76 -2.36 -21.14 -1.94
CA GLU B 76 -3.75 -20.97 -2.29
C GLU B 76 -4.35 -22.36 -2.63
N VAL B 77 -5.38 -22.76 -1.87
CA VAL B 77 -6.05 -24.06 -2.04
C VAL B 77 -7.50 -23.84 -2.43
N ILE B 78 -7.90 -24.34 -3.62
CA ILE B 78 -9.26 -24.28 -4.15
C ILE B 78 -9.74 -25.70 -4.27
N LYS B 79 -10.80 -26.07 -3.53
CA LYS B 79 -11.35 -27.41 -3.59
C LYS B 79 -12.30 -27.56 -4.77
N ASN B 80 -12.51 -28.81 -5.24
CA ASN B 80 -13.41 -29.16 -6.34
C ASN B 80 -14.86 -28.77 -5.95
N ASP B 81 -15.29 -29.20 -4.71
CA ASP B 81 -16.60 -28.99 -4.05
C ASP B 81 -17.16 -27.56 -4.19
N ASP B 82 -16.31 -26.54 -4.06
CA ASP B 82 -16.70 -25.14 -4.26
C ASP B 82 -15.52 -24.35 -4.80
N GLY B 83 -15.68 -23.87 -6.04
CA GLY B 83 -14.67 -23.07 -6.72
C GLY B 83 -14.77 -21.59 -6.41
N LYS B 84 -15.80 -21.21 -5.61
CA LYS B 84 -16.08 -19.81 -5.23
C LYS B 84 -15.00 -19.20 -4.32
N LYS B 85 -14.62 -19.91 -3.21
CA LYS B 85 -13.61 -19.43 -2.27
C LYS B 85 -12.35 -20.32 -2.22
N ALA B 86 -11.23 -19.73 -1.78
CA ALA B 86 -9.94 -20.41 -1.64
C ALA B 86 -9.29 -20.11 -0.29
N LEU B 87 -8.67 -21.11 0.32
CA LEU B 87 -7.96 -20.89 1.57
C LEU B 87 -6.57 -20.40 1.21
N VAL B 88 -6.20 -19.27 1.77
CA VAL B 88 -4.93 -18.61 1.54
C VAL B 88 -4.09 -18.74 2.82
N LEU B 89 -2.93 -19.38 2.72
CA LEU B 89 -2.03 -19.60 3.84
C LEU B 89 -0.73 -18.89 3.56
N ASP B 90 -0.45 -17.84 4.35
CA ASP B 90 0.76 -17.03 4.16
C ASP B 90 1.87 -17.66 4.97
N CYS B 91 2.87 -18.23 4.28
CA CYS B 91 3.95 -18.92 4.97
C CYS B 91 5.27 -18.21 4.89
N HIS B 92 6.15 -18.51 5.84
CA HIS B 92 7.47 -17.89 5.90
C HIS B 92 8.49 -18.83 6.58
N TYR B 93 9.78 -18.49 6.50
CA TYR B 93 10.85 -19.26 7.11
C TYR B 93 11.27 -18.57 8.43
N PRO B 94 11.12 -19.24 9.59
CA PRO B 94 11.50 -18.60 10.85
C PRO B 94 13.02 -18.52 11.08
N GLU B 95 13.45 -17.86 12.18
CA GLU B 95 14.86 -17.65 12.52
C GLU B 95 15.21 -18.20 13.94
N ASP B 96 15.97 -19.33 13.98
CA ASP B 96 16.43 -20.05 15.19
C ASP B 96 15.28 -20.45 16.14
N SER B 106 11.92 -30.92 13.56
CA SER B 106 11.68 -29.47 13.51
C SER B 106 11.26 -29.00 12.09
N ASP B 107 10.22 -28.12 12.01
CA ASP B 107 9.65 -27.58 10.75
C ASP B 107 10.54 -26.53 10.13
N ILE B 108 10.65 -26.58 8.80
CA ILE B 108 11.47 -25.64 8.03
C ILE B 108 10.72 -24.30 7.86
N PHE B 109 9.40 -24.34 7.66
CA PHE B 109 8.55 -23.16 7.49
C PHE B 109 7.45 -23.08 8.53
N SER B 110 6.73 -21.94 8.56
CA SER B 110 5.62 -21.64 9.45
C SER B 110 4.47 -21.00 8.71
N ILE B 111 3.23 -21.29 9.11
CA ILE B 111 2.10 -20.54 8.58
C ILE B 111 2.04 -19.31 9.50
N ARG B 112 2.17 -18.11 8.93
CA ARG B 112 2.12 -16.84 9.68
C ARG B 112 0.66 -16.39 9.89
N GLU B 113 -0.19 -16.52 8.85
CA GLU B 113 -1.61 -16.15 8.85
C GLU B 113 -2.42 -16.92 7.81
N VAL B 114 -3.74 -17.01 8.07
CA VAL B 114 -4.71 -17.74 7.25
C VAL B 114 -5.93 -16.83 6.96
N SER B 115 -6.57 -17.04 5.79
CA SER B 115 -7.72 -16.28 5.31
C SER B 115 -8.35 -16.98 4.10
N PHE B 116 -9.55 -16.53 3.71
CA PHE B 116 -10.25 -17.01 2.52
C PHE B 116 -10.25 -15.88 1.51
N GLN B 117 -10.19 -16.20 0.22
CA GLN B 117 -10.21 -15.22 -0.87
C GLN B 117 -11.13 -15.74 -1.97
N SER B 118 -11.87 -14.83 -2.63
CA SER B 118 -12.76 -15.24 -3.72
C SER B 118 -11.90 -15.34 -4.97
N THR B 119 -12.27 -16.26 -5.91
CA THR B 119 -11.51 -16.48 -7.15
C THR B 119 -12.10 -15.70 -8.33
N ASP B 126 -10.14 -5.23 -2.50
CA ASP B 126 -10.49 -6.54 -1.95
C ASP B 126 -9.98 -6.69 -0.51
N THR B 127 -10.90 -6.94 0.44
CA THR B 127 -10.57 -7.12 1.86
C THR B 127 -11.30 -8.36 2.45
N ASN B 128 -10.57 -9.20 3.22
CA ASN B 128 -11.09 -10.46 3.82
C ASN B 128 -10.59 -10.70 5.25
N TYR B 129 -11.38 -11.45 6.09
CA TYR B 129 -10.97 -11.77 7.46
C TYR B 129 -9.70 -12.61 7.45
N THR B 130 -8.67 -12.11 8.14
CA THR B 130 -7.37 -12.74 8.24
C THR B 130 -7.03 -13.04 9.69
N LEU B 131 -6.82 -14.32 9.99
CA LEU B 131 -6.40 -14.74 11.30
C LEU B 131 -4.89 -15.02 11.36
N ASN B 132 -4.21 -14.41 12.36
CA ASN B 132 -2.81 -14.66 12.63
C ASN B 132 -2.78 -15.99 13.38
N THR B 133 -1.79 -16.85 13.09
CA THR B 133 -1.72 -18.18 13.68
C THR B 133 -1.27 -18.22 15.15
N ASP B 134 -0.78 -17.09 15.71
CA ASP B 134 -0.38 -16.98 17.12
C ASP B 134 -1.61 -17.10 18.03
N SER B 135 -2.80 -16.76 17.50
CA SER B 135 -4.07 -16.85 18.19
C SER B 135 -4.69 -18.25 18.10
N LEU B 136 -4.04 -19.19 17.36
CA LEU B 136 -4.49 -20.57 17.20
C LEU B 136 -3.85 -21.51 18.23
N ASP B 137 -4.60 -22.53 18.67
CA ASP B 137 -4.05 -23.53 19.58
C ASP B 137 -3.18 -24.50 18.75
N TRP B 138 -2.21 -25.17 19.40
CA TRP B 138 -1.31 -26.15 18.77
C TRP B 138 -2.04 -27.22 17.96
N ALA B 139 -3.21 -27.70 18.42
CA ALA B 139 -3.98 -28.73 17.71
C ALA B 139 -4.48 -28.24 16.34
N LEU B 140 -4.90 -26.96 16.24
CA LEU B 140 -5.38 -26.44 14.96
C LEU B 140 -4.18 -26.09 14.06
N TYR B 141 -3.04 -25.65 14.66
CA TYR B 141 -1.83 -25.42 13.88
C TYR B 141 -1.34 -26.75 13.29
N ASP B 142 -1.37 -27.84 14.06
CA ASP B 142 -0.99 -29.18 13.59
C ASP B 142 -1.89 -29.61 12.44
N HIS B 143 -3.22 -29.38 12.53
CA HIS B 143 -4.15 -29.70 11.44
C HIS B 143 -3.82 -28.92 10.17
N LEU B 144 -3.50 -27.62 10.30
CA LEU B 144 -3.12 -26.78 9.15
C LEU B 144 -1.83 -27.26 8.48
N MET B 145 -0.81 -27.57 9.29
CA MET B 145 0.47 -28.05 8.77
C MET B 145 0.33 -29.42 8.11
N ASP B 146 -0.56 -30.27 8.61
CA ASP B 146 -0.84 -31.59 8.03
C ASP B 146 -1.59 -31.42 6.72
N PHE B 147 -2.50 -30.46 6.66
CA PHE B 147 -3.32 -30.12 5.51
C PHE B 147 -2.42 -29.71 4.34
N LEU B 148 -1.34 -28.98 4.65
CA LEU B 148 -0.35 -28.56 3.68
C LEU B 148 0.49 -29.75 3.24
N ALA B 149 0.93 -30.57 4.19
CA ALA B 149 1.72 -31.80 3.90
C ALA B 149 0.96 -32.77 3.00
N ASP B 150 -0.39 -32.86 3.16
CA ASP B 150 -1.18 -33.79 2.33
C ASP B 150 -1.26 -33.31 0.89
N ARG B 151 -1.01 -32.01 0.69
CA ARG B 151 -1.02 -31.35 -0.59
C ARG B 151 0.43 -31.13 -1.11
N GLY B 152 1.39 -31.78 -0.44
CA GLY B 152 2.79 -31.72 -0.82
C GLY B 152 3.57 -30.51 -0.35
N VAL B 153 2.97 -29.61 0.44
CA VAL B 153 3.70 -28.47 0.98
C VAL B 153 4.27 -28.90 2.33
N ASP B 154 5.44 -29.53 2.28
CA ASP B 154 6.11 -30.10 3.45
C ASP B 154 7.53 -29.54 3.59
N ASN B 155 8.34 -30.14 4.47
CA ASN B 155 9.72 -29.72 4.72
C ASN B 155 10.60 -29.83 3.48
N THR B 156 10.48 -30.92 2.71
CA THR B 156 11.24 -31.14 1.46
C THR B 156 10.94 -30.02 0.47
N PHE B 157 9.65 -29.68 0.33
CA PHE B 157 9.16 -28.63 -0.54
C PHE B 157 9.77 -27.28 -0.10
N ALA B 158 9.68 -26.95 1.22
CA ALA B 158 10.22 -25.72 1.82
C ALA B 158 11.78 -25.62 1.60
N ASP B 159 12.54 -26.73 1.73
CA ASP B 159 13.98 -26.74 1.45
C ASP B 159 14.28 -26.52 -0.01
N GLU B 160 13.44 -27.14 -0.89
CA GLU B 160 13.60 -27.07 -2.35
C GLU B 160 13.23 -25.74 -2.87
N LEU B 161 12.24 -25.07 -2.23
CA LEU B 161 11.82 -23.72 -2.58
C LEU B 161 12.94 -22.69 -2.34
N VAL B 162 13.76 -22.89 -1.29
CA VAL B 162 14.91 -22.02 -0.99
C VAL B 162 15.90 -22.14 -2.16
N GLU B 163 16.20 -23.38 -2.61
CA GLU B 163 17.11 -23.63 -3.71
C GLU B 163 16.59 -23.03 -5.01
N LEU B 164 15.28 -23.15 -5.29
CA LEU B 164 14.69 -22.60 -6.51
C LEU B 164 14.71 -21.08 -6.49
N SER B 165 14.31 -20.51 -5.35
CA SER B 165 14.30 -19.07 -5.15
C SER B 165 15.69 -18.46 -5.30
N THR B 166 16.72 -19.07 -4.70
CA THR B 166 18.11 -18.62 -4.82
C THR B 166 18.54 -18.58 -6.29
N ALA B 167 18.20 -19.61 -7.05
CA ALA B 167 18.50 -19.72 -8.48
C ALA B 167 17.79 -18.64 -9.29
N LEU B 168 16.48 -18.43 -9.08
CA LEU B 168 15.70 -17.38 -9.78
C LEU B 168 16.25 -15.99 -9.51
N GLU B 169 16.64 -15.73 -8.25
CA GLU B 169 17.24 -14.49 -7.80
C GLU B 169 18.52 -14.24 -8.56
N HIS B 170 19.40 -15.24 -8.61
CA HIS B 170 20.69 -15.07 -9.27
C HIS B 170 20.54 -14.81 -10.76
N GLN B 171 19.62 -15.54 -11.40
CA GLN B 171 19.32 -15.42 -12.82
C GLN B 171 18.83 -14.02 -13.16
N GLU B 172 17.88 -13.50 -12.37
CA GLU B 172 17.33 -12.15 -12.56
C GLU B 172 18.35 -11.06 -12.30
N TYR B 173 19.21 -11.27 -11.26
CA TYR B 173 20.29 -10.38 -10.86
C TYR B 173 21.29 -10.22 -12.00
N ILE B 174 21.78 -11.33 -12.56
CA ILE B 174 22.76 -11.36 -13.68
C ILE B 174 22.19 -10.63 -14.89
N THR B 175 20.91 -10.87 -15.20
CA THR B 175 20.24 -10.27 -16.36
C THR B 175 20.06 -8.77 -16.13
N PHE B 176 19.71 -8.37 -14.89
CA PHE B 176 19.52 -6.97 -14.55
C PHE B 176 20.81 -6.21 -14.77
N LEU B 177 21.95 -6.71 -14.24
CA LEU B 177 23.24 -6.04 -14.41
C LEU B 177 23.60 -5.85 -15.85
N GLU B 178 23.27 -6.83 -16.70
CA GLU B 178 23.52 -6.76 -18.16
C GLU B 178 22.70 -5.65 -18.77
N ASP B 179 21.38 -5.67 -18.50
CA ASP B 179 20.44 -4.65 -18.98
C ASP B 179 20.84 -3.26 -18.51
N LEU B 180 21.28 -3.15 -17.23
CA LEU B 180 21.77 -1.90 -16.65
C LEU B 180 23.00 -1.40 -17.39
N LYS B 181 23.96 -2.29 -17.70
CA LYS B 181 25.21 -1.97 -18.42
C LYS B 181 24.86 -1.47 -19.80
N SER B 182 23.98 -2.21 -20.46
CA SER B 182 23.50 -1.89 -21.79
C SER B 182 22.87 -0.48 -21.86
N PHE B 183 22.08 -0.12 -20.85
CA PHE B 183 21.38 1.15 -20.72
C PHE B 183 22.32 2.27 -20.30
N VAL B 184 23.03 2.11 -19.17
CA VAL B 184 23.85 3.21 -18.64
C VAL B 184 25.18 3.37 -19.35
N LYS B 185 25.90 2.27 -19.69
CA LYS B 185 27.20 2.36 -20.36
C LYS B 185 27.08 3.04 -21.75
N SER B 186 27.81 4.16 -21.91
CA SER B 186 27.87 4.98 -23.13
C SER B 186 29.02 4.55 -24.05
N THR C 6 -28.06 -10.88 17.53
CA THR C 6 -28.47 -9.64 16.87
C THR C 6 -27.46 -8.53 17.20
N LEU C 7 -26.84 -7.94 16.16
CA LEU C 7 -25.84 -6.87 16.30
C LEU C 7 -26.44 -5.60 16.93
N PRO C 8 -25.69 -4.87 17.80
CA PRO C 8 -26.27 -3.66 18.40
C PRO C 8 -26.55 -2.57 17.36
N LYS C 9 -27.67 -1.89 17.57
CA LYS C 9 -28.16 -0.83 16.70
C LYS C 9 -27.43 0.47 16.95
N MET C 10 -27.29 1.29 15.90
CA MET C 10 -26.70 2.62 15.96
C MET C 10 -27.87 3.59 15.93
N SER C 11 -27.92 4.53 16.89
CA SER C 11 -28.95 5.55 16.97
C SER C 11 -28.74 6.51 15.79
N GLY C 12 -29.84 6.99 15.21
CA GLY C 12 -29.82 7.91 14.08
C GLY C 12 -30.31 7.38 12.73
N GLY C 13 -30.61 6.09 12.66
CA GLY C 13 -31.09 5.46 11.43
C GLY C 13 -29.96 5.28 10.44
N TRP C 14 -28.96 4.48 10.83
CA TRP C 14 -27.77 4.22 10.03
C TRP C 14 -27.88 2.86 9.33
N GLU C 15 -27.70 2.84 7.99
CA GLU C 15 -27.74 1.59 7.23
C GLU C 15 -26.33 0.99 7.26
N LEU C 16 -26.23 -0.23 7.81
CA LEU C 16 -24.96 -0.95 7.92
C LEU C 16 -24.80 -1.95 6.79
N GLU C 17 -23.56 -2.01 6.27
CA GLU C 17 -23.13 -2.96 5.25
C GLU C 17 -21.70 -3.36 5.56
N LEU C 18 -21.42 -4.67 5.49
CA LEU C 18 -20.10 -5.21 5.74
C LEU C 18 -19.60 -5.93 4.49
N ASN C 19 -18.40 -5.56 4.06
CA ASN C 19 -17.69 -6.12 2.91
C ASN C 19 -16.34 -6.59 3.45
N GLY C 20 -16.29 -7.86 3.80
CA GLY C 20 -15.12 -8.49 4.39
C GLY C 20 -14.94 -8.02 5.82
N THR C 21 -13.83 -7.34 6.07
CA THR C 21 -13.51 -6.76 7.38
C THR C 21 -13.93 -5.27 7.48
N GLU C 22 -14.36 -4.67 6.35
CA GLU C 22 -14.75 -3.26 6.24
C GLU C 22 -16.26 -3.04 6.41
N ALA C 23 -16.64 -2.29 7.46
CA ALA C 23 -18.04 -1.94 7.72
C ALA C 23 -18.28 -0.47 7.36
N LYS C 24 -19.42 -0.21 6.71
CA LYS C 24 -19.86 1.12 6.31
C LYS C 24 -21.22 1.39 6.95
N LEU C 25 -21.36 2.56 7.59
CA LEU C 25 -22.62 3.04 8.16
C LEU C 25 -22.99 4.26 7.32
N VAL C 26 -24.20 4.27 6.73
CA VAL C 26 -24.68 5.35 5.86
C VAL C 26 -25.97 5.95 6.40
N ARG C 27 -26.07 7.28 6.39
CA ARG C 27 -27.24 8.04 6.77
C ARG C 27 -27.41 9.19 5.79
N LYS C 28 -28.60 9.30 5.18
CA LYS C 28 -28.91 10.39 4.25
C LYS C 28 -29.56 11.54 5.04
N VAL C 29 -28.77 12.61 5.25
CA VAL C 29 -29.17 13.83 5.97
C VAL C 29 -30.00 14.75 5.06
N ALA C 30 -30.22 16.01 5.47
CA ALA C 30 -30.98 16.94 4.64
C ALA C 30 -30.11 17.42 3.45
N GLY C 31 -30.10 16.59 2.40
CA GLY C 31 -29.38 16.84 1.16
C GLY C 31 -27.87 16.77 1.26
N GLU C 32 -27.37 15.78 2.02
CA GLU C 32 -25.96 15.46 2.26
C GLU C 32 -25.91 14.00 2.65
N LYS C 33 -24.94 13.24 2.09
CA LYS C 33 -24.74 11.82 2.37
C LYS C 33 -23.54 11.68 3.30
N ILE C 34 -23.73 11.01 4.44
CA ILE C 34 -22.70 10.82 5.45
C ILE C 34 -22.42 9.32 5.59
N THR C 35 -21.14 8.94 5.40
CA THR C 35 -20.66 7.55 5.46
C THR C 35 -19.55 7.43 6.48
N VAL C 36 -19.67 6.46 7.40
CA VAL C 36 -18.66 6.17 8.41
C VAL C 36 -18.11 4.77 8.11
N THR C 37 -16.81 4.68 7.80
CA THR C 37 -16.13 3.44 7.46
C THR C 37 -15.12 3.07 8.55
N PHE C 38 -15.10 1.79 8.91
CA PHE C 38 -14.16 1.27 9.89
C PHE C 38 -13.84 -0.20 9.56
N ASN C 39 -12.79 -0.75 10.21
CA ASN C 39 -12.33 -2.12 9.99
C ASN C 39 -12.48 -3.00 11.25
N ILE C 40 -13.15 -4.16 11.04
CA ILE C 40 -13.52 -5.18 12.04
C ILE C 40 -12.39 -6.19 12.30
N ASN C 41 -11.17 -5.93 11.79
CA ASN C 41 -10.05 -6.84 12.00
C ASN C 41 -8.76 -6.10 12.33
N ASN C 42 -8.06 -6.57 13.39
CA ASN C 42 -6.80 -6.03 13.93
C ASN C 42 -5.65 -6.16 12.92
N THR C 70 -11.93 -0.29 20.22
CA THR C 70 -12.03 1.10 19.79
C THR C 70 -11.38 1.22 18.41
N PRO C 71 -12.16 1.16 17.29
CA PRO C 71 -11.54 1.21 15.96
C PRO C 71 -11.20 2.63 15.50
N ASN C 72 -10.61 2.75 14.33
CA ASN C 72 -10.37 4.06 13.79
C ASN C 72 -11.41 4.12 12.69
N PHE C 73 -12.21 5.20 12.69
CA PHE C 73 -13.29 5.37 11.72
C PHE C 73 -13.06 6.60 10.84
N VAL C 74 -13.56 6.55 9.60
CA VAL C 74 -13.42 7.60 8.59
C VAL C 74 -14.79 8.09 8.20
N VAL C 75 -15.01 9.41 8.38
CA VAL C 75 -16.25 10.06 8.03
C VAL C 75 -16.07 10.73 6.68
N GLU C 76 -16.97 10.43 5.75
CA GLU C 76 -17.03 10.98 4.42
C GLU C 76 -18.35 11.76 4.26
N VAL C 77 -18.25 13.07 3.99
CA VAL C 77 -19.41 13.96 3.85
C VAL C 77 -19.49 14.47 2.43
N ILE C 78 -20.59 14.14 1.73
CA ILE C 78 -20.86 14.56 0.36
C ILE C 78 -22.11 15.41 0.41
N LYS C 79 -22.00 16.66 -0.02
CA LYS C 79 -23.12 17.59 -0.08
C LYS C 79 -23.91 17.37 -1.38
N ASN C 80 -25.14 17.89 -1.47
CA ASN C 80 -25.97 17.78 -2.68
C ASN C 80 -25.26 18.43 -3.91
N ASP C 81 -24.75 19.68 -3.73
CA ASP C 81 -24.01 20.53 -4.68
C ASP C 81 -22.89 19.79 -5.44
N LYS C 84 -19.32 17.90 -5.97
CA LYS C 84 -18.62 16.80 -6.68
C LYS C 84 -17.59 16.07 -5.78
N LYS C 85 -16.91 16.83 -4.90
CA LYS C 85 -15.92 16.40 -3.92
C LYS C 85 -16.57 16.06 -2.56
N ALA C 86 -15.80 15.37 -1.69
CA ALA C 86 -16.25 14.99 -0.35
C ALA C 86 -15.21 15.29 0.70
N LEU C 87 -15.66 15.75 1.87
CA LEU C 87 -14.75 16.01 2.96
C LEU C 87 -14.55 14.71 3.71
N VAL C 88 -13.30 14.31 3.87
CA VAL C 88 -12.91 13.06 4.52
C VAL C 88 -12.26 13.41 5.86
N LEU C 89 -12.82 12.92 6.96
CA LEU C 89 -12.34 13.19 8.32
C LEU C 89 -11.92 11.87 8.95
N ASP C 90 -10.61 11.69 9.16
CA ASP C 90 -10.08 10.47 9.77
C ASP C 90 -10.13 10.63 11.27
N CYS C 91 -10.99 9.83 11.91
CA CYS C 91 -11.20 9.91 13.34
C CYS C 91 -10.66 8.69 14.08
N HIS C 92 -10.28 8.89 15.36
CA HIS C 92 -9.75 7.85 16.21
C HIS C 92 -10.11 8.09 17.69
N TYR C 93 -9.90 7.07 18.54
CA TYR C 93 -10.18 7.16 19.97
C TYR C 93 -8.87 7.42 20.72
N PRO C 94 -8.73 8.56 21.42
CA PRO C 94 -7.46 8.83 22.13
C PRO C 94 -7.31 8.03 23.42
N ASP C 107 -14.50 14.85 24.99
CA ASP C 107 -14.79 14.16 23.73
C ASP C 107 -14.31 12.72 23.74
N ILE C 108 -15.13 11.81 23.18
CA ILE C 108 -14.84 10.39 23.12
C ILE C 108 -13.85 10.10 21.99
N PHE C 109 -13.98 10.82 20.86
CA PHE C 109 -13.11 10.66 19.69
C PHE C 109 -12.44 11.98 19.30
N SER C 110 -11.47 11.90 18.37
CA SER C 110 -10.72 13.04 17.86
C SER C 110 -10.60 12.97 16.35
N ILE C 111 -10.55 14.14 15.68
CA ILE C 111 -10.31 14.16 14.24
C ILE C 111 -8.78 14.25 14.14
N ARG C 112 -8.13 13.17 13.64
CA ARG C 112 -6.68 13.09 13.53
C ARG C 112 -6.18 13.88 12.29
N GLU C 113 -6.89 13.75 11.14
CA GLU C 113 -6.56 14.41 9.87
C GLU C 113 -7.77 14.58 8.96
N VAL C 114 -7.68 15.57 8.07
CA VAL C 114 -8.75 15.99 7.17
C VAL C 114 -8.20 16.10 5.72
N SER C 115 -9.06 15.89 4.73
CA SER C 115 -8.74 15.92 3.29
C SER C 115 -10.02 15.91 2.47
N PHE C 116 -9.89 16.17 1.16
CA PHE C 116 -10.99 16.11 0.20
C PHE C 116 -10.72 14.93 -0.72
N GLN C 117 -11.77 14.27 -1.21
CA GLN C 117 -11.68 13.14 -2.14
C GLN C 117 -12.75 13.30 -3.21
N SER C 118 -12.47 12.89 -4.46
CA SER C 118 -13.44 12.97 -5.55
C SER C 118 -14.41 11.78 -5.41
N THR C 119 -15.67 11.94 -5.84
CA THR C 119 -16.71 10.91 -5.74
C THR C 119 -16.74 9.95 -6.96
N THR C 127 -3.95 10.45 -3.85
CA THR C 127 -2.99 11.52 -4.11
C THR C 127 -3.53 12.92 -3.71
N ASN C 128 -4.42 12.99 -2.69
CA ASN C 128 -5.02 14.25 -2.23
C ASN C 128 -4.32 14.84 -1.01
N TYR C 129 -4.28 16.18 -0.92
CA TYR C 129 -3.65 16.87 0.21
C TYR C 129 -4.41 16.57 1.50
N THR C 130 -3.64 16.09 2.49
CA THR C 130 -4.13 15.70 3.79
C THR C 130 -3.50 16.54 4.89
N LEU C 131 -4.33 17.28 5.62
CA LEU C 131 -3.90 18.10 6.74
C LEU C 131 -4.12 17.41 8.08
N ASN C 132 -3.07 17.40 8.91
CA ASN C 132 -3.15 16.89 10.27
C ASN C 132 -3.82 18.00 11.09
N THR C 133 -4.70 17.63 12.01
CA THR C 133 -5.46 18.62 12.79
C THR C 133 -4.65 19.35 13.87
N ASP C 134 -3.41 18.91 14.17
CA ASP C 134 -2.51 19.57 15.14
C ASP C 134 -2.09 20.96 14.62
N SER C 135 -2.12 21.13 13.28
CA SER C 135 -1.78 22.38 12.60
C SER C 135 -2.98 23.33 12.49
N LEU C 136 -4.16 22.90 12.98
CA LEU C 136 -5.40 23.72 12.99
C LEU C 136 -5.53 24.49 14.30
N ASP C 137 -6.13 25.69 14.27
CA ASP C 137 -6.37 26.41 15.53
C ASP C 137 -7.58 25.77 16.23
N TRP C 138 -7.64 25.84 17.58
CA TRP C 138 -8.69 25.20 18.38
C TRP C 138 -10.11 25.56 17.88
N ALA C 139 -10.35 26.81 17.48
CA ALA C 139 -11.65 27.26 17.01
C ALA C 139 -12.14 26.53 15.74
N LEU C 140 -11.26 26.32 14.74
CA LEU C 140 -11.64 25.64 13.51
C LEU C 140 -11.81 24.14 13.79
N TYR C 141 -10.94 23.55 14.64
CA TYR C 141 -11.07 22.16 15.04
C TYR C 141 -12.46 21.97 15.70
N ASP C 142 -12.84 22.85 16.66
CA ASP C 142 -14.16 22.82 17.32
C ASP C 142 -15.33 22.96 16.31
N HIS C 143 -15.17 23.79 15.26
CA HIS C 143 -16.16 23.89 14.18
C HIS C 143 -16.30 22.58 13.42
N LEU C 144 -15.20 21.85 13.22
CA LEU C 144 -15.22 20.55 12.56
C LEU C 144 -15.92 19.51 13.41
N MET C 145 -15.64 19.50 14.72
CA MET C 145 -16.29 18.60 15.66
C MET C 145 -17.79 18.81 15.66
N ASP C 146 -18.24 20.09 15.70
CA ASP C 146 -19.65 20.50 15.68
C ASP C 146 -20.33 20.10 14.37
N PHE C 147 -19.61 20.26 13.26
CA PHE C 147 -20.04 19.91 11.92
C PHE C 147 -20.35 18.41 11.84
N LEU C 148 -19.56 17.58 12.56
CA LEU C 148 -19.75 16.13 12.63
C LEU C 148 -20.95 15.83 13.48
N ALA C 149 -21.02 16.45 14.66
CA ALA C 149 -22.13 16.31 15.59
C ALA C 149 -23.49 16.66 14.94
N ASP C 150 -23.54 17.67 14.03
CA ASP C 150 -24.78 18.08 13.35
C ASP C 150 -25.22 17.01 12.35
N ARG C 151 -24.28 16.17 11.93
CA ARG C 151 -24.51 15.10 10.99
C ARG C 151 -24.60 13.72 11.69
N GLY C 152 -24.78 13.72 13.00
CA GLY C 152 -24.95 12.48 13.76
C GLY C 152 -23.70 11.83 14.29
N VAL C 153 -22.51 12.41 13.97
CA VAL C 153 -21.26 11.83 14.44
C VAL C 153 -20.84 12.57 15.71
N ASP C 154 -21.38 12.11 16.83
CA ASP C 154 -21.15 12.70 18.14
C ASP C 154 -20.60 11.68 19.13
N ASN C 155 -20.55 12.05 20.42
CA ASN C 155 -20.06 11.17 21.48
C ASN C 155 -20.87 9.89 21.60
N THR C 156 -22.22 9.96 21.53
CA THR C 156 -23.13 8.80 21.60
C THR C 156 -22.81 7.82 20.45
N PHE C 157 -22.64 8.36 19.24
CA PHE C 157 -22.27 7.60 18.05
C PHE C 157 -20.93 6.89 18.27
N ALA C 158 -19.91 7.63 18.77
CA ALA C 158 -18.58 7.10 19.08
C ALA C 158 -18.70 5.95 20.09
N ASP C 159 -19.42 6.14 21.21
CA ASP C 159 -19.64 5.08 22.23
C ASP C 159 -20.34 3.85 21.65
N GLU C 160 -21.36 4.08 20.81
CA GLU C 160 -22.14 3.02 20.17
C GLU C 160 -21.34 2.26 19.15
N LEU C 161 -20.44 2.94 18.43
CA LEU C 161 -19.55 2.35 17.43
C LEU C 161 -18.57 1.38 18.08
N VAL C 162 -18.16 1.64 19.33
CA VAL C 162 -17.26 0.77 20.09
C VAL C 162 -17.98 -0.57 20.32
N GLU C 163 -19.26 -0.48 20.72
CA GLU C 163 -20.09 -1.65 21.00
C GLU C 163 -20.38 -2.44 19.72
N LEU C 164 -20.68 -1.75 18.61
CA LEU C 164 -20.97 -2.41 17.33
C LEU C 164 -19.71 -3.10 16.79
N SER C 165 -18.56 -2.38 16.84
CA SER C 165 -17.23 -2.85 16.40
C SER C 165 -16.85 -4.14 17.14
N THR C 166 -17.02 -4.17 18.47
CA THR C 166 -16.70 -5.33 19.32
C THR C 166 -17.54 -6.54 18.90
N ALA C 167 -18.85 -6.32 18.69
CA ALA C 167 -19.80 -7.34 18.26
C ALA C 167 -19.45 -7.92 16.89
N LEU C 168 -19.17 -7.05 15.89
CA LEU C 168 -18.79 -7.48 14.54
C LEU C 168 -17.53 -8.32 14.54
N GLU C 169 -16.56 -7.93 15.38
CA GLU C 169 -15.28 -8.62 15.56
C GLU C 169 -15.50 -10.08 16.01
N HIS C 170 -16.21 -10.30 17.16
CA HIS C 170 -16.48 -11.63 17.73
CA HIS C 170 -16.49 -11.63 17.72
C HIS C 170 -17.32 -12.46 16.76
N GLN C 171 -18.26 -11.84 16.02
CA GLN C 171 -19.11 -12.53 15.02
C GLN C 171 -18.26 -13.07 13.85
N GLU C 172 -17.39 -12.23 13.27
CA GLU C 172 -16.54 -12.59 12.15
C GLU C 172 -15.51 -13.63 12.55
N TYR C 173 -14.97 -13.50 13.78
CA TYR C 173 -13.98 -14.40 14.34
C TYR C 173 -14.54 -15.82 14.47
N ILE C 174 -15.72 -15.95 15.10
CA ILE C 174 -16.41 -17.21 15.33
C ILE C 174 -16.73 -17.91 14.00
N THR C 175 -17.23 -17.15 13.00
CA THR C 175 -17.61 -17.64 11.68
C THR C 175 -16.38 -18.10 10.93
N PHE C 176 -15.27 -17.34 11.05
CA PHE C 176 -14.04 -17.66 10.38
C PHE C 176 -13.51 -19.00 10.86
N LEU C 177 -13.41 -19.19 12.20
CA LEU C 177 -12.93 -20.46 12.78
C LEU C 177 -13.72 -21.64 12.31
N GLU C 178 -15.05 -21.48 12.20
CA GLU C 178 -15.95 -22.54 11.75
C GLU C 178 -15.62 -22.92 10.32
N ASP C 179 -15.60 -21.92 9.43
CA ASP C 179 -15.29 -22.07 8.01
C ASP C 179 -13.93 -22.70 7.81
N LEU C 180 -12.94 -22.25 8.62
CA LEU C 180 -11.56 -22.75 8.59
C LEU C 180 -11.51 -24.23 8.92
N LYS C 181 -12.11 -24.61 10.06
CA LYS C 181 -12.12 -25.98 10.55
C LYS C 181 -12.89 -26.88 9.59
N SER C 182 -13.98 -26.35 8.98
CA SER C 182 -14.79 -27.07 8.00
C SER C 182 -13.97 -27.38 6.74
N PHE C 183 -13.17 -26.40 6.29
CA PHE C 183 -12.32 -26.50 5.11
C PHE C 183 -11.17 -27.46 5.32
N VAL C 184 -10.53 -27.39 6.49
CA VAL C 184 -9.35 -28.17 6.85
C VAL C 184 -9.71 -29.58 7.40
N LYS C 185 -10.96 -29.81 7.86
CA LYS C 185 -11.39 -31.11 8.38
C LYS C 185 -11.52 -32.12 7.26
N SER C 186 -11.18 -33.39 7.56
CA SER C 186 -11.22 -34.54 6.65
C SER C 186 -11.59 -35.77 7.45
#